data_3ET5
#
_entry.id   3ET5
#
_cell.length_a   65.848
_cell.length_b   65.848
_cell.length_c   101.893
_cell.angle_alpha   90.00
_cell.angle_beta   90.00
_cell.angle_gamma   90.00
#
_symmetry.space_group_name_H-M   'P 42 21 2'
#
loop_
_entity.id
_entity.type
_entity.pdbx_description
1 polymer 'Outer membrane protein P4, NADP phosphatase'
2 non-polymer 'MAGNESIUM ION'
3 non-polymer TUNGSTATE(VI)ION
4 non-polymer 'TETRAETHYLENE GLYCOL'
5 water water
#
_entity_poly.entity_id   1
_entity_poly.type   'polypeptide(L)'
_entity_poly.pdbx_seq_one_letter_code
;MVGAHQMKSEEQANMQLQQQAVLGLNWMQDSGEYKALAYQAYNAAKVAFDHAKVAKGKKKAVVADLDETMLDNSPYAGWQ
VQNNKPFDGKDWTRWVDARQSRAVPGAVEFNNYVNSHKGKVFYVTNRKDSSEKAGTIDDMKRLGFNGVEESAFYLKKDKS
AKAARFAEIEKQGYEIVLYVGDNLDDFGNTVYGKLNADRRAFVDQNQGKFGKTFIMLPNANYGGWEGGLAEGYFKKDTQG
QIKARLDAVQAWDGK
;
_entity_poly.pdbx_strand_id   A
#
loop_
_chem_comp.id
_chem_comp.type
_chem_comp.name
_chem_comp.formula
MG non-polymer 'MAGNESIUM ION' 'Mg 2'
PG4 non-polymer 'TETRAETHYLENE GLYCOL' 'C8 H18 O5'
WO4 non-polymer TUNGSTATE(VI)ION 'O4 W -2'
#
# COMPACT_ATOMS: atom_id res chain seq x y z
N GLN A 12 -1.07 -17.88 -24.76
CA GLN A 12 -0.15 -17.23 -23.78
C GLN A 12 -0.72 -17.25 -22.36
N ALA A 13 0.04 -17.89 -21.47
CA ALA A 13 -0.28 -17.90 -20.05
C ALA A 13 -0.24 -16.47 -19.47
N ASN A 14 0.57 -15.60 -20.07
CA ASN A 14 0.67 -14.19 -19.63
C ASN A 14 -0.61 -13.39 -19.85
N MET A 15 -1.32 -13.70 -20.94
CA MET A 15 -2.65 -13.13 -21.17
C MET A 15 -3.63 -13.64 -20.11
N GLN A 16 -3.58 -14.94 -19.83
CA GLN A 16 -4.44 -15.58 -18.83
C GLN A 16 -4.20 -14.95 -17.44
N LEU A 17 -2.94 -14.60 -17.17
CA LEU A 17 -2.55 -14.01 -15.88
C LEU A 17 -3.12 -12.60 -15.65
N GLN A 18 -2.97 -11.74 -16.65
CA GLN A 18 -3.48 -10.35 -16.58
C GLN A 18 -5.00 -10.20 -16.76
N GLN A 19 -5.62 -11.13 -17.50
CA GLN A 19 -7.06 -11.09 -17.70
C GLN A 19 -7.76 -11.37 -16.36
N GLN A 20 -7.11 -12.18 -15.50
CA GLN A 20 -7.63 -12.48 -14.13
C GLN A 20 -7.75 -11.28 -13.18
N ALA A 21 -7.11 -10.19 -13.57
CA ALA A 21 -7.16 -8.93 -12.84
C ALA A 21 -8.21 -7.94 -13.36
N VAL A 22 -8.85 -8.23 -14.48
CA VAL A 22 -9.70 -7.22 -15.14
C VAL A 22 -10.84 -6.70 -14.25
N LEU A 23 -11.59 -7.62 -13.65
CA LEU A 23 -12.77 -7.20 -12.86
C LEU A 23 -12.40 -6.38 -11.64
N GLY A 24 -11.32 -6.76 -10.96
CA GLY A 24 -10.85 -6.03 -9.80
C GLY A 24 -10.29 -4.67 -10.19
N LEU A 25 -9.66 -4.61 -11.36
CA LEU A 25 -9.19 -3.33 -11.90
C LEU A 25 -10.38 -2.39 -12.20
N ASN A 26 -11.40 -2.90 -12.89
CA ASN A 26 -12.67 -2.18 -13.14
C ASN A 26 -13.23 -1.59 -11.84
N TRP A 27 -13.34 -2.44 -10.82
CA TRP A 27 -13.81 -2.03 -9.49
C TRP A 27 -13.00 -0.87 -8.89
N MET A 28 -11.69 -1.04 -8.81
CA MET A 28 -10.84 0.00 -8.23
C MET A 28 -10.89 1.30 -9.03
N GLN A 29 -10.90 1.18 -10.36
CA GLN A 29 -10.82 2.33 -11.27
C GLN A 29 -12.12 3.07 -11.46
N ASP A 30 -13.22 2.34 -11.52
CA ASP A 30 -14.47 2.92 -11.97
C ASP A 30 -15.55 3.04 -10.88
N SER A 31 -15.53 2.18 -9.86
CA SER A 31 -16.69 2.12 -8.94
C SER A 31 -16.68 3.26 -7.94
N GLY A 32 -17.87 3.75 -7.61
CA GLY A 32 -18.02 4.66 -6.46
C GLY A 32 -17.74 3.91 -5.17
N GLU A 33 -18.01 2.59 -5.16
CA GLU A 33 -17.72 1.74 -3.96
C GLU A 33 -16.28 1.77 -3.49
N TYR A 34 -15.33 1.56 -4.43
CA TYR A 34 -13.91 1.74 -4.14
C TYR A 34 -13.66 3.12 -3.50
N LYS A 35 -14.18 4.18 -4.14
CA LYS A 35 -13.95 5.55 -3.64
C LYS A 35 -14.49 5.75 -2.22
N ALA A 36 -15.66 5.19 -1.97
CA ALA A 36 -16.28 5.24 -0.65
C ALA A 36 -15.43 4.52 0.40
N LEU A 37 -14.78 3.44 0.01
CA LEU A 37 -13.89 2.71 0.91
C LEU A 37 -12.64 3.51 1.22
N ALA A 38 -12.10 4.22 0.22
CA ALA A 38 -10.98 5.15 0.43
C ALA A 38 -11.36 6.30 1.39
N TYR A 39 -12.52 6.92 1.16
CA TYR A 39 -13.05 7.94 2.06
C TYR A 39 -13.27 7.41 3.47
N GLN A 40 -13.89 6.23 3.55
CA GLN A 40 -14.09 5.58 4.85
C GLN A 40 -12.79 5.36 5.64
N ALA A 41 -11.74 4.90 4.97
CA ALA A 41 -10.46 4.66 5.60
C ALA A 41 -9.90 5.97 6.13
N TYR A 42 -9.94 7.02 5.29
CA TYR A 42 -9.33 8.30 5.66
C TYR A 42 -10.15 9.10 6.67
N ASN A 43 -11.47 8.86 6.67
CA ASN A 43 -12.36 9.42 7.72
C ASN A 43 -12.07 8.76 9.06
N ALA A 44 -11.92 7.43 9.07
CA ALA A 44 -11.50 6.70 10.27
C ALA A 44 -10.11 7.14 10.73
N ALA A 45 -9.20 7.32 9.77
CA ALA A 45 -7.82 7.73 10.08
C ALA A 45 -7.78 9.11 10.78
N LYS A 46 -8.61 10.05 10.32
CA LYS A 46 -8.74 11.35 10.97
C LYS A 46 -9.22 11.26 12.42
N VAL A 47 -10.26 10.45 12.65
CA VAL A 47 -10.77 10.20 14.01
C VAL A 47 -9.67 9.63 14.93
N ALA A 48 -8.96 8.62 14.42
CA ALA A 48 -7.84 8.00 15.13
C ALA A 48 -6.77 9.03 15.49
N PHE A 49 -6.44 9.87 14.52
CA PHE A 49 -5.39 10.88 14.72
C PHE A 49 -5.82 11.95 15.75
N ASP A 50 -7.08 12.37 15.70
CA ASP A 50 -7.70 13.31 16.64
C ASP A 50 -7.64 12.80 18.08
N HIS A 51 -7.88 11.50 18.25
CA HIS A 51 -7.96 10.91 19.58
C HIS A 51 -6.61 10.46 20.12
N ALA A 52 -5.60 10.39 19.26
CA ALA A 52 -4.32 9.76 19.63
C ALA A 52 -3.62 10.51 20.73
N LYS A 53 -3.23 9.73 21.74
CA LYS A 53 -2.54 10.19 22.91
C LYS A 53 -1.11 9.71 22.80
N VAL A 54 -0.18 10.65 22.94
CA VAL A 54 1.25 10.39 22.74
C VAL A 54 2.01 10.68 24.04
N ALA A 55 2.97 9.81 24.38
CA ALA A 55 3.81 9.97 25.58
C ALA A 55 4.49 11.34 25.61
N LYS A 56 4.52 11.96 26.79
CA LYS A 56 5.16 13.27 26.96
C LYS A 56 6.58 13.24 26.37
N GLY A 57 6.97 14.32 25.72
CA GLY A 57 8.26 14.36 25.00
C GLY A 57 8.23 13.92 23.54
N LYS A 58 7.22 13.15 23.15
CA LYS A 58 7.13 12.68 21.77
C LYS A 58 6.31 13.62 20.88
N LYS A 59 6.58 13.54 19.57
CA LYS A 59 5.76 14.22 18.56
C LYS A 59 4.92 13.16 17.82
N LYS A 60 3.69 13.52 17.42
CA LYS A 60 2.77 12.59 16.72
C LYS A 60 3.20 12.34 15.28
N ALA A 61 3.52 11.10 14.97
CA ALA A 61 3.79 10.68 13.59
C ALA A 61 2.67 9.82 13.03
N VAL A 62 2.43 9.97 11.73
CA VAL A 62 1.62 9.03 10.97
C VAL A 62 2.54 8.45 9.93
N VAL A 63 2.49 7.13 9.79
CA VAL A 63 3.28 6.43 8.81
C VAL A 63 2.33 6.02 7.70
N ALA A 64 2.71 6.32 6.45
CA ALA A 64 1.87 5.99 5.34
C ALA A 64 2.64 5.35 4.20
N ASP A 65 2.12 4.23 3.72
CA ASP A 65 2.58 3.65 2.46
C ASP A 65 2.14 4.55 1.29
N LEU A 66 2.76 4.40 0.12
CA LEU A 66 2.36 5.21 -1.06
C LEU A 66 1.49 4.45 -2.09
N ASP A 67 2.06 3.46 -2.76
CA ASP A 67 1.38 2.79 -3.89
C ASP A 67 0.08 2.09 -3.46
N GLU A 68 -1.05 2.58 -3.97
CA GLU A 68 -2.39 2.04 -3.66
C GLU A 68 -2.84 2.33 -2.25
N THR A 69 -2.13 3.26 -1.60
CA THR A 69 -2.53 3.83 -0.32
C THR A 69 -2.79 5.34 -0.46
N MET A 70 -1.77 6.09 -0.94
CA MET A 70 -1.91 7.52 -1.24
C MET A 70 -1.82 7.85 -2.73
N LEU A 71 -1.03 7.04 -3.47
CA LEU A 71 -0.87 7.20 -4.91
C LEU A 71 -1.60 6.05 -5.63
N ASP A 72 -2.27 6.42 -6.71
CA ASP A 72 -3.06 5.51 -7.50
C ASP A 72 -2.27 5.21 -8.78
N ASN A 73 -1.75 3.99 -8.86
CA ASN A 73 -0.99 3.49 -10.02
C ASN A 73 -1.81 2.60 -10.93
N SER A 74 -3.13 2.69 -10.80
CA SER A 74 -4.02 1.84 -11.60
C SER A 74 -3.80 1.95 -13.12
N PRO A 75 -3.41 3.14 -13.65
CA PRO A 75 -3.09 3.20 -15.09
C PRO A 75 -1.96 2.24 -15.55
N TYR A 76 -0.98 1.98 -14.69
CA TYR A 76 0.07 0.98 -14.98
C TYR A 76 -0.57 -0.41 -15.13
N ALA A 77 -1.45 -0.78 -14.18
CA ALA A 77 -2.21 -2.02 -14.28
C ALA A 77 -3.06 -2.09 -15.56
N GLY A 78 -3.66 -0.96 -15.94
CA GLY A 78 -4.43 -0.88 -17.18
C GLY A 78 -3.57 -1.15 -18.40
N TRP A 79 -2.32 -0.67 -18.36
CA TRP A 79 -1.35 -0.94 -19.42
C TRP A 79 -0.93 -2.42 -19.47
N GLN A 80 -0.70 -3.03 -18.29
CA GLN A 80 -0.41 -4.48 -18.20
C GLN A 80 -1.51 -5.34 -18.87
N VAL A 81 -2.76 -5.06 -18.56
CA VAL A 81 -3.91 -5.77 -19.11
C VAL A 81 -3.96 -5.64 -20.62
N GLN A 82 -3.87 -4.41 -21.10
CA GLN A 82 -3.91 -4.14 -22.53
C GLN A 82 -2.76 -4.75 -23.34
N ASN A 83 -1.66 -5.09 -22.67
CA ASN A 83 -0.46 -5.56 -23.35
C ASN A 83 0.03 -6.94 -22.90
N ASN A 84 -0.78 -7.62 -22.08
CA ASN A 84 -0.42 -8.93 -21.52
C ASN A 84 0.99 -8.95 -20.91
N LYS A 85 1.26 -7.97 -20.04
CA LYS A 85 2.59 -7.81 -19.45
C LYS A 85 2.54 -8.18 -17.96
N PRO A 86 3.41 -9.10 -17.51
CA PRO A 86 3.52 -9.28 -16.07
C PRO A 86 4.29 -8.11 -15.47
N PHE A 87 4.34 -8.00 -14.16
CA PHE A 87 5.16 -7.01 -13.54
C PHE A 87 6.62 -7.12 -13.96
N ASP A 88 7.22 -5.95 -14.19
CA ASP A 88 8.58 -5.77 -14.67
C ASP A 88 9.16 -4.47 -14.07
N GLY A 89 10.11 -4.62 -13.19
CA GLY A 89 10.75 -3.48 -12.56
C GLY A 89 11.18 -2.33 -13.44
N LYS A 90 11.51 -2.59 -14.68
CA LYS A 90 11.98 -1.51 -15.54
C LYS A 90 10.79 -0.76 -16.13
N ASP A 91 9.74 -1.49 -16.51
CA ASP A 91 8.47 -0.90 -16.93
C ASP A 91 7.92 0.00 -15.82
N TRP A 92 8.04 -0.46 -14.58
CA TRP A 92 7.58 0.28 -13.41
C TRP A 92 8.29 1.63 -13.20
N THR A 93 9.60 1.66 -13.41
CA THR A 93 10.35 2.90 -13.25
C THR A 93 9.95 3.92 -14.32
N ARG A 94 9.71 3.46 -15.54
CA ARG A 94 9.27 4.31 -16.63
C ARG A 94 7.88 4.89 -16.29
N TRP A 95 7.00 4.03 -15.76
CA TRP A 95 5.72 4.53 -15.21
C TRP A 95 5.93 5.63 -14.16
N VAL A 96 6.77 5.35 -13.15
CA VAL A 96 7.08 6.32 -12.09
C VAL A 96 7.59 7.65 -12.70
N ASP A 97 8.54 7.55 -13.63
CA ASP A 97 9.06 8.72 -14.34
C ASP A 97 8.09 9.41 -15.31
N ALA A 98 7.05 8.69 -15.74
CA ALA A 98 5.98 9.28 -16.56
C ALA A 98 5.25 10.40 -15.82
N ARG A 99 5.27 10.33 -14.48
CA ARG A 99 4.70 11.36 -13.61
C ARG A 99 3.22 11.59 -13.93
N GLN A 100 2.47 10.49 -13.86
CA GLN A 100 1.04 10.50 -14.14
C GLN A 100 0.28 9.85 -12.99
N SER A 101 0.98 9.57 -11.88
CA SER A 101 0.33 9.04 -10.68
C SER A 101 -0.90 9.89 -10.34
N ARG A 102 -1.96 9.22 -9.88
CA ARG A 102 -3.15 9.87 -9.39
C ARG A 102 -3.19 9.76 -7.87
N ALA A 103 -4.12 10.45 -7.22
CA ALA A 103 -4.20 10.40 -5.76
C ALA A 103 -5.35 9.48 -5.34
N VAL A 104 -5.07 8.62 -4.36
CA VAL A 104 -6.12 7.83 -3.73
C VAL A 104 -7.10 8.83 -3.05
N PRO A 105 -8.41 8.66 -3.29
CA PRO A 105 -9.40 9.60 -2.73
C PRO A 105 -9.28 9.69 -1.20
N GLY A 106 -9.31 10.90 -0.68
CA GLY A 106 -9.15 11.11 0.76
C GLY A 106 -7.74 11.41 1.24
N ALA A 107 -6.75 10.94 0.47
CA ALA A 107 -5.34 10.87 0.94
C ALA A 107 -4.71 12.24 1.11
N VAL A 108 -4.89 13.10 0.11
CA VAL A 108 -4.36 14.44 0.16
C VAL A 108 -4.92 15.23 1.35
N GLU A 109 -6.25 15.20 1.51
CA GLU A 109 -6.91 15.96 2.59
C GLU A 109 -6.44 15.44 3.95
N PHE A 110 -6.31 14.12 4.09
CA PHE A 110 -5.84 13.51 5.34
C PHE A 110 -4.40 13.90 5.67
N ASN A 111 -3.52 13.72 4.68
CA ASN A 111 -2.12 14.11 4.80
C ASN A 111 -1.96 15.55 5.29
N ASN A 112 -2.62 16.48 4.59
CA ASN A 112 -2.56 17.91 4.95
C ASN A 112 -3.15 18.26 6.31
N TYR A 113 -4.19 17.54 6.71
CA TYR A 113 -4.82 17.69 8.03
C TYR A 113 -3.86 17.35 9.17
N VAL A 114 -3.26 16.16 9.08
CA VAL A 114 -2.25 15.68 10.04
C VAL A 114 -1.11 16.69 10.20
N ASN A 115 -0.51 17.08 9.07
CA ASN A 115 0.63 17.98 9.01
C ASN A 115 0.34 19.39 9.52
N SER A 116 -0.92 19.79 9.51
CA SER A 116 -1.25 21.13 10.01
C SER A 116 -1.90 21.10 11.40
N HIS A 117 -1.99 19.90 11.99
CA HIS A 117 -2.58 19.72 13.32
C HIS A 117 -1.68 18.94 14.30
N LYS A 118 -0.47 19.45 14.48
CA LYS A 118 0.46 18.88 15.46
C LYS A 118 0.91 17.45 15.14
N GLY A 119 0.85 17.06 13.86
CA GLY A 119 1.42 15.79 13.44
C GLY A 119 2.41 15.89 12.29
N LYS A 120 3.01 14.76 11.94
CA LYS A 120 3.83 14.63 10.73
C LYS A 120 3.58 13.27 10.05
N VAL A 121 3.22 13.32 8.76
CA VAL A 121 3.10 12.12 7.94
C VAL A 121 4.49 11.79 7.38
N PHE A 122 4.91 10.54 7.57
CA PHE A 122 6.12 10.01 6.92
C PHE A 122 5.72 9.00 5.85
N TYR A 123 6.36 9.06 4.70
CA TYR A 123 6.05 8.15 3.58
C TYR A 123 7.00 6.96 3.53
N VAL A 124 6.54 5.82 4.04
CA VAL A 124 7.38 4.63 4.10
C VAL A 124 6.95 3.74 2.96
N THR A 125 7.82 3.64 1.96
CA THR A 125 7.43 3.18 0.65
C THR A 125 8.53 2.38 -0.02
N ASN A 126 8.12 1.40 -0.83
CA ASN A 126 9.05 0.53 -1.54
C ASN A 126 9.30 0.93 -2.98
N ARG A 127 8.83 2.12 -3.36
CA ARG A 127 9.38 2.79 -4.51
C ARG A 127 10.87 3.00 -4.18
N LYS A 128 11.72 2.92 -5.21
CA LYS A 128 13.18 2.91 -5.01
C LYS A 128 13.72 4.29 -4.71
N ASP A 129 14.53 4.39 -3.66
CA ASP A 129 15.13 5.65 -3.28
C ASP A 129 16.05 6.18 -4.39
N SER A 130 16.87 5.30 -4.95
CA SER A 130 17.77 5.68 -6.04
C SER A 130 17.03 6.28 -7.25
N SER A 131 16.05 5.55 -7.80
CA SER A 131 15.57 5.83 -9.17
C SER A 131 14.11 6.28 -9.30
N GLU A 132 13.39 6.36 -8.18
CA GLU A 132 11.94 6.57 -8.22
C GLU A 132 11.52 7.69 -7.29
N LYS A 133 12.49 8.21 -6.53
CA LYS A 133 12.27 9.34 -5.63
C LYS A 133 11.77 10.60 -6.36
N ALA A 134 12.44 10.97 -7.46
CA ALA A 134 12.16 12.24 -8.16
C ALA A 134 10.75 12.30 -8.74
N GLY A 135 10.36 11.26 -9.49
CA GLY A 135 9.01 11.19 -10.03
C GLY A 135 7.99 11.18 -8.91
N THR A 136 8.34 10.48 -7.82
CA THR A 136 7.44 10.36 -6.67
C THR A 136 7.14 11.73 -6.06
N ILE A 137 8.21 12.44 -5.69
CA ILE A 137 8.09 13.81 -5.16
C ILE A 137 7.38 14.79 -6.13
N ASP A 138 7.75 14.75 -7.39
CA ASP A 138 7.04 15.53 -8.43
C ASP A 138 5.52 15.30 -8.40
N ASP A 139 5.09 14.04 -8.46
CA ASP A 139 3.65 13.70 -8.47
C ASP A 139 2.92 14.12 -7.21
N MET A 140 3.57 13.95 -6.06
CA MET A 140 2.96 14.32 -4.79
C MET A 140 2.76 15.82 -4.58
N LYS A 141 3.74 16.62 -5.00
CA LYS A 141 3.59 18.08 -5.09
C LYS A 141 2.46 18.46 -6.05
N ARG A 142 2.50 17.92 -7.26
CA ARG A 142 1.44 18.14 -8.25
C ARG A 142 0.07 17.78 -7.67
N LEU A 143 -0.04 16.63 -7.00
CA LEU A 143 -1.34 16.19 -6.46
C LEU A 143 -1.82 16.96 -5.21
N GLY A 144 -0.94 17.75 -4.62
CA GLY A 144 -1.34 18.65 -3.55
C GLY A 144 -0.96 18.21 -2.14
N PHE A 145 -0.17 17.16 -2.01
CA PHE A 145 0.37 16.74 -0.71
C PHE A 145 1.32 17.80 -0.12
N ASN A 146 1.00 18.30 1.08
CA ASN A 146 1.89 19.20 1.83
C ASN A 146 2.96 18.39 2.56
N GLY A 147 4.18 18.92 2.63
CA GLY A 147 5.29 18.37 3.39
C GLY A 147 5.96 17.21 2.68
N VAL A 148 6.19 17.33 1.39
CA VAL A 148 6.88 16.33 0.60
C VAL A 148 8.36 16.68 0.38
N GLU A 149 8.95 17.31 1.40
CA GLU A 149 10.39 17.48 1.46
C GLU A 149 11.03 16.11 1.61
N GLU A 150 12.29 16.02 1.19
CA GLU A 150 13.11 14.80 1.23
C GLU A 150 13.00 14.01 2.54
N SER A 151 13.13 14.73 3.65
CA SER A 151 13.19 14.14 4.99
C SER A 151 11.94 13.34 5.39
N ALA A 152 10.82 13.59 4.71
CA ALA A 152 9.56 12.91 4.99
C ALA A 152 9.50 11.50 4.39
N PHE A 153 10.41 11.24 3.45
CA PHE A 153 10.37 9.98 2.68
C PHE A 153 11.37 8.95 3.21
N TYR A 154 10.88 7.73 3.42
CA TYR A 154 11.74 6.59 3.71
C TYR A 154 11.57 5.56 2.61
N LEU A 155 12.20 5.80 1.48
CA LEU A 155 12.08 4.97 0.31
C LEU A 155 12.95 3.74 0.47
N LYS A 156 12.71 2.75 -0.38
CA LYS A 156 13.44 1.50 -0.30
C LYS A 156 14.89 1.70 -0.71
N LYS A 157 15.77 1.05 0.05
CA LYS A 157 17.18 0.91 -0.31
C LYS A 157 17.40 -0.57 -0.59
N ASP A 158 17.94 -1.28 0.38
CA ASP A 158 18.19 -2.71 0.22
C ASP A 158 16.96 -3.58 0.51
N LYS A 159 16.25 -3.31 1.61
CA LYS A 159 15.18 -4.20 2.06
C LYS A 159 13.75 -3.73 1.81
N SER A 160 12.88 -4.68 1.45
CA SER A 160 11.44 -4.42 1.30
C SER A 160 10.69 -4.38 2.62
N ALA A 161 11.16 -5.12 3.63
CA ALA A 161 10.55 -5.10 4.96
C ALA A 161 10.60 -3.68 5.54
N LYS A 162 9.53 -3.24 6.19
CA LYS A 162 9.42 -1.84 6.58
C LYS A 162 9.68 -1.47 8.04
N ALA A 163 9.68 -2.47 8.95
CA ALA A 163 9.78 -2.18 10.40
C ALA A 163 10.97 -1.37 10.80
N ALA A 164 12.12 -1.64 10.16
CA ALA A 164 13.36 -0.94 10.52
C ALA A 164 13.25 0.54 10.19
N ARG A 165 12.52 0.86 9.13
CA ARG A 165 12.25 2.27 8.82
C ARG A 165 11.30 2.91 9.85
N PHE A 166 10.28 2.17 10.30
CA PHE A 166 9.40 2.65 11.38
C PHE A 166 10.23 2.95 12.62
N ALA A 167 11.15 2.03 12.92
CA ALA A 167 12.05 2.17 14.05
C ALA A 167 12.93 3.41 13.93
N GLU A 168 13.42 3.69 12.72
CA GLU A 168 14.24 4.89 12.47
C GLU A 168 13.49 6.17 12.79
N ILE A 169 12.20 6.18 12.46
CA ILE A 169 11.29 7.30 12.73
C ILE A 169 11.13 7.49 14.24
N GLU A 170 10.98 6.38 14.96
CA GLU A 170 10.85 6.35 16.42
CA GLU A 170 10.81 6.47 16.40
C GLU A 170 12.10 6.82 17.15
N LYS A 171 13.26 6.59 16.52
CA LYS A 171 14.56 7.06 17.04
C LYS A 171 14.67 8.59 17.10
N GLN A 172 13.93 9.27 16.22
CA GLN A 172 13.95 10.73 16.11
C GLN A 172 12.96 11.43 17.05
N GLY A 173 12.48 10.70 18.06
CA GLY A 173 11.54 11.25 19.02
C GLY A 173 10.11 11.38 18.51
N TYR A 174 9.70 10.51 17.59
CA TYR A 174 8.31 10.46 17.16
C TYR A 174 7.63 9.25 17.80
N GLU A 175 6.33 9.35 18.02
CA GLU A 175 5.53 8.18 18.32
C GLU A 175 4.54 8.02 17.19
N ILE A 176 4.65 6.90 16.50
CA ILE A 176 3.71 6.57 15.42
C ILE A 176 2.33 6.28 16.03
N VAL A 177 1.34 7.12 15.72
CA VAL A 177 -0.01 6.94 16.28
C VAL A 177 -0.91 6.07 15.39
N LEU A 178 -0.57 6.03 14.11
CA LEU A 178 -1.27 5.18 13.18
C LEU A 178 -0.43 4.91 11.94
N TYR A 179 -0.81 3.85 11.24
CA TYR A 179 -0.14 3.36 10.03
C TYR A 179 -1.23 3.16 9.00
N VAL A 180 -0.97 3.63 7.79
CA VAL A 180 -1.93 3.53 6.70
C VAL A 180 -1.31 2.71 5.57
N GLY A 181 -2.08 1.75 5.05
CA GLY A 181 -1.57 0.89 3.97
C GLY A 181 -2.62 0.06 3.28
N ASP A 182 -2.25 -0.56 2.15
CA ASP A 182 -3.14 -1.50 1.46
C ASP A 182 -2.61 -2.93 1.61
N ASN A 183 -1.44 -3.04 2.23
CA ASN A 183 -0.75 -4.32 2.43
C ASN A 183 -0.54 -4.50 3.93
N LEU A 184 -0.74 -5.70 4.46
CA LEU A 184 -0.46 -5.95 5.89
C LEU A 184 1.00 -5.66 6.26
N ASP A 185 1.90 -5.84 5.30
CA ASP A 185 3.32 -5.53 5.52
C ASP A 185 3.59 -4.02 5.70
N ASP A 186 2.56 -3.20 5.48
CA ASP A 186 2.61 -1.76 5.79
C ASP A 186 2.42 -1.48 7.28
N PHE A 187 2.14 -2.50 8.08
CA PHE A 187 1.89 -2.35 9.51
C PHE A 187 3.02 -2.91 10.38
N GLY A 188 4.07 -3.43 9.75
CA GLY A 188 5.18 -4.06 10.46
C GLY A 188 5.65 -5.33 9.75
N ASN A 189 6.50 -6.10 10.41
CA ASN A 189 7.14 -7.27 9.76
C ASN A 189 6.59 -8.62 10.20
N THR A 190 5.56 -8.63 11.03
CA THR A 190 5.08 -9.91 11.59
C THR A 190 4.80 -11.00 10.53
N VAL A 191 4.26 -10.60 9.39
CA VAL A 191 3.84 -11.58 8.37
C VAL A 191 4.49 -11.35 7.00
N TYR A 192 5.58 -10.60 6.99
CA TYR A 192 6.35 -10.34 5.79
C TYR A 192 6.88 -11.65 5.21
N GLY A 193 6.53 -11.92 3.95
CA GLY A 193 6.96 -13.13 3.25
C GLY A 193 6.23 -14.40 3.67
N LYS A 194 5.14 -14.27 4.43
CA LYS A 194 4.39 -15.42 4.94
C LYS A 194 3.20 -15.72 4.06
N LEU A 195 2.68 -16.95 4.16
CA LEU A 195 1.52 -17.36 3.38
C LEU A 195 0.23 -16.81 4.01
N ASN A 196 -0.86 -16.85 3.25
CA ASN A 196 -2.10 -16.15 3.66
C ASN A 196 -2.73 -16.65 4.98
N ALA A 197 -2.56 -17.93 5.32
CA ALA A 197 -3.03 -18.44 6.62
C ALA A 197 -2.42 -17.65 7.80
N ASP A 198 -1.09 -17.52 7.78
CA ASP A 198 -0.36 -16.70 8.74
C ASP A 198 -0.80 -15.25 8.72
N ARG A 199 -1.03 -14.73 7.52
CA ARG A 199 -1.42 -13.36 7.33
C ARG A 199 -2.84 -13.09 7.90
N ARG A 200 -3.79 -13.97 7.57
CA ARG A 200 -5.12 -13.97 8.21
C ARG A 200 -5.07 -14.07 9.75
N ALA A 201 -4.18 -14.93 10.28
CA ALA A 201 -3.97 -15.12 11.72
C ALA A 201 -3.52 -13.83 12.42
N PHE A 202 -2.59 -13.12 11.80
CA PHE A 202 -2.18 -11.78 12.23
C PHE A 202 -3.35 -10.79 12.38
N VAL A 203 -4.22 -10.79 11.38
CA VAL A 203 -5.41 -9.93 11.36
C VAL A 203 -6.38 -10.26 12.51
N ASP A 204 -6.66 -11.54 12.72
CA ASP A 204 -7.48 -11.96 13.87
C ASP A 204 -6.87 -11.51 15.21
N GLN A 205 -5.56 -11.67 15.34
CA GLN A 205 -4.83 -11.30 16.56
C GLN A 205 -4.87 -9.81 16.82
N ASN A 206 -5.04 -9.02 15.76
CA ASN A 206 -5.01 -7.56 15.81
C ASN A 206 -6.33 -6.91 15.39
N GLN A 207 -7.41 -7.68 15.47
CA GLN A 207 -8.76 -7.30 15.02
C GLN A 207 -9.14 -5.87 15.48
N GLY A 208 -8.84 -5.54 16.73
CA GLY A 208 -9.19 -4.27 17.35
C GLY A 208 -8.50 -3.04 16.79
N LYS A 209 -7.36 -3.23 16.14
CA LYS A 209 -6.54 -2.13 15.63
C LYS A 209 -7.00 -1.59 14.30
N PHE A 210 -7.72 -2.42 13.53
CA PHE A 210 -8.20 -2.00 12.20
C PHE A 210 -9.28 -0.93 12.27
N GLY A 211 -9.07 0.13 11.47
CA GLY A 211 -9.87 1.34 11.53
C GLY A 211 -9.53 2.20 12.73
N LYS A 212 -8.47 1.83 13.46
CA LYS A 212 -7.99 2.59 14.61
C LYS A 212 -6.50 2.92 14.44
N THR A 213 -5.60 1.99 14.78
CA THR A 213 -4.15 2.18 14.64
CA THR A 213 -4.17 2.23 14.61
C THR A 213 -3.60 1.72 13.28
N PHE A 214 -4.27 0.71 12.70
CA PHE A 214 -3.96 0.18 11.37
C PHE A 214 -5.09 0.53 10.41
N ILE A 215 -4.80 1.37 9.42
CA ILE A 215 -5.81 1.84 8.45
C ILE A 215 -5.58 1.18 7.09
N MET A 216 -6.60 0.45 6.63
CA MET A 216 -6.55 -0.35 5.40
C MET A 216 -7.18 0.38 4.22
N LEU A 217 -6.49 0.32 3.09
CA LEU A 217 -7.03 0.70 1.79
C LEU A 217 -7.19 -0.57 0.95
N PRO A 218 -8.22 -0.60 0.08
CA PRO A 218 -8.43 -1.81 -0.75
C PRO A 218 -7.50 -1.89 -1.95
N ASN A 219 -6.98 -3.09 -2.17
CA ASN A 219 -6.17 -3.40 -3.34
C ASN A 219 -6.39 -4.89 -3.74
N ALA A 220 -7.25 -5.08 -4.72
CA ALA A 220 -7.56 -6.39 -5.24
C ALA A 220 -6.67 -6.80 -6.41
N ASN A 221 -5.67 -5.97 -6.75
CA ASN A 221 -4.83 -6.21 -7.95
C ASN A 221 -3.49 -6.91 -7.68
N TYR A 222 -2.88 -6.63 -6.54
CA TYR A 222 -1.54 -7.15 -6.27
C TYR A 222 -1.20 -6.92 -4.80
N GLY A 223 -0.13 -7.55 -4.33
CA GLY A 223 0.39 -7.29 -2.99
C GLY A 223 0.96 -8.52 -2.30
N GLY A 224 1.26 -8.39 -1.01
CA GLY A 224 1.79 -9.52 -0.24
C GLY A 224 0.80 -10.69 -0.18
N TRP A 225 -0.50 -10.40 -0.36
CA TRP A 225 -1.51 -11.47 -0.39
C TRP A 225 -1.38 -12.33 -1.64
N GLU A 226 -0.81 -11.74 -2.70
CA GLU A 226 -0.63 -12.47 -3.95
C GLU A 226 0.48 -13.49 -3.79
N GLY A 227 1.62 -13.06 -3.26
CA GLY A 227 2.70 -13.98 -2.92
C GLY A 227 2.24 -14.97 -1.86
N GLY A 228 1.31 -14.55 -1.01
CA GLY A 228 0.71 -15.41 0.01
C GLY A 228 -0.15 -16.58 -0.44
N LEU A 229 -0.46 -16.63 -1.73
CA LEU A 229 -1.27 -17.71 -2.29
C LEU A 229 -0.57 -19.07 -2.30
N ALA A 230 0.76 -19.06 -2.39
CA ALA A 230 1.54 -20.29 -2.47
C ALA A 230 3.01 -20.09 -2.13
N GLU A 231 3.63 -21.13 -1.57
CA GLU A 231 5.06 -21.18 -1.29
C GLU A 231 5.87 -20.83 -2.54
N GLY A 232 6.78 -19.86 -2.40
CA GLY A 232 7.62 -19.41 -3.50
C GLY A 232 6.87 -18.91 -4.74
N TYR A 233 5.67 -18.34 -4.54
CA TYR A 233 4.82 -17.87 -5.63
C TYR A 233 5.56 -16.96 -6.64
N PHE A 234 6.28 -15.96 -6.13
CA PHE A 234 6.98 -15.00 -7.01
C PHE A 234 8.15 -15.57 -7.80
N LYS A 235 8.68 -16.72 -7.36
CA LYS A 235 9.69 -17.47 -8.10
C LYS A 235 9.09 -18.38 -9.20
N LYS A 236 7.81 -18.71 -9.08
CA LYS A 236 7.11 -19.53 -10.11
C LYS A 236 7.00 -18.84 -11.49
N ASP A 237 6.95 -19.65 -12.55
CA ASP A 237 6.66 -19.10 -13.87
C ASP A 237 5.19 -18.66 -13.99
N THR A 238 4.81 -18.12 -15.14
CA THR A 238 3.43 -17.65 -15.31
C THR A 238 2.41 -18.79 -15.07
N GLN A 239 2.65 -19.97 -15.66
CA GLN A 239 1.76 -21.12 -15.50
C GLN A 239 1.62 -21.56 -14.03
N GLY A 240 2.76 -21.71 -13.34
CA GLY A 240 2.71 -21.96 -11.88
C GLY A 240 1.95 -20.94 -11.02
N GLN A 241 2.05 -19.67 -11.38
CA GLN A 241 1.28 -18.61 -10.70
C GLN A 241 -0.25 -18.69 -10.95
N ILE A 242 -0.65 -18.86 -12.21
CA ILE A 242 -2.06 -19.14 -12.57
C ILE A 242 -2.61 -20.35 -11.78
N LYS A 243 -1.81 -21.41 -11.71
CA LYS A 243 -2.19 -22.62 -10.97
C LYS A 243 -2.42 -22.33 -9.49
N ALA A 244 -1.52 -21.56 -8.88
CA ALA A 244 -1.64 -21.18 -7.47
C ALA A 244 -2.89 -20.35 -7.23
N ARG A 245 -3.18 -19.40 -8.12
CA ARG A 245 -4.43 -18.63 -8.06
C ARG A 245 -5.62 -19.58 -8.12
N LEU A 246 -5.65 -20.44 -9.14
CA LEU A 246 -6.79 -21.37 -9.32
C LEU A 246 -6.93 -22.36 -8.18
N ASP A 247 -5.81 -22.90 -7.69
CA ASP A 247 -5.83 -23.86 -6.57
C ASP A 247 -6.30 -23.21 -5.26
N ALA A 248 -6.17 -21.89 -5.19
CA ALA A 248 -6.57 -21.15 -4.00
C ALA A 248 -8.08 -20.95 -3.94
N VAL A 249 -8.76 -21.14 -5.06
CA VAL A 249 -10.20 -20.89 -5.15
C VAL A 249 -10.99 -21.87 -4.27
N GLN A 250 -11.82 -21.32 -3.38
CA GLN A 250 -12.73 -22.10 -2.53
C GLN A 250 -14.06 -22.12 -3.25
N ALA A 251 -14.55 -23.31 -3.58
CA ALA A 251 -15.75 -23.45 -4.41
C ALA A 251 -16.86 -24.33 -3.82
N TRP A 252 -18.09 -23.85 -3.93
CA TRP A 252 -19.29 -24.65 -3.69
C TRP A 252 -19.31 -25.80 -4.71
N ASP A 253 -19.79 -26.98 -4.29
CA ASP A 253 -19.80 -28.15 -5.17
C ASP A 253 -20.94 -28.15 -6.19
N GLY A 254 -21.82 -27.15 -6.14
CA GLY A 254 -22.92 -27.04 -7.11
C GLY A 254 -24.20 -27.79 -6.76
N LYS A 255 -24.16 -28.62 -5.71
CA LYS A 255 -25.32 -29.36 -5.23
C LYS A 255 -26.11 -28.56 -4.20
MG MG B . 0.94 -0.15 -1.12
W WO4 C . 4.49 0.87 -1.51
O1 WO4 C . 2.85 -0.14 -2.08
O2 WO4 C . 5.51 0.09 0.04
O3 WO4 C . 4.40 2.87 -1.46
O4 WO4 C . 5.56 0.39 -3.06
O3 PG4 D . 1.22 -2.44 -9.75
C5 PG4 D . 0.62 -1.60 -10.73
C6 PG4 D . -0.50 -0.75 -10.16
O4 PG4 D . -1.65 -1.56 -9.97
C7 PG4 D . -2.65 -0.88 -9.23
C8 PG4 D . -3.94 -1.69 -9.32
O5 PG4 D . -5.06 -0.84 -9.14
#